data_7PQF
#
_entry.id   7PQF
#
_cell.length_a   43.491
_cell.length_b   43.491
_cell.length_c   196.312
_cell.angle_alpha   90.000
_cell.angle_beta   90.000
_cell.angle_gamma   120.000
#
_symmetry.space_group_name_H-M   'P 32 2 1'
#
loop_
_entity.id
_entity.type
_entity.pdbx_description
1 polymer 'Thiol:disulfide interchange protein DsbA/DsbL'
2 water water
#
_entity_poly.entity_id   1
_entity_poly.type   'polypeptide(L)'
_entity_poly.pdbx_seq_one_letter_code
;MMEGKEYIILKNPIANADNSLIEIFSYRCTHCYDHHKFNTMGKVKEKLPNLTYKFYPVSSMGDYGRQANEIFAFAAFKDG
VNKIDPTDKNSLTHKVAKAYFNAYFKKKQRWENGKNPEAFYSVGLKAMNVSKADLENFLKTPEAAELLKSYEIANPISQN
YGTPAFVVNGKYQIIPSAINSPEALIEITKELSKQKLEHHHHHH
;
_entity_poly.pdbx_strand_id   A
#
# COMPACT_ATOMS: atom_id res chain seq x y z
N MET A 1 -18.50 -7.53 13.25
CA MET A 1 -19.20 -6.27 13.36
C MET A 1 -19.13 -5.71 14.77
N MET A 2 -18.16 -6.15 15.59
CA MET A 2 -18.00 -5.62 16.94
C MET A 2 -16.64 -4.98 17.14
N GLU A 3 -16.65 -3.77 17.70
CA GLU A 3 -15.40 -3.08 18.00
C GLU A 3 -14.57 -3.90 18.97
N GLY A 4 -13.28 -4.04 18.67
CA GLY A 4 -12.42 -4.86 19.49
C GLY A 4 -12.46 -6.35 19.19
N LYS A 5 -13.33 -6.80 18.27
CA LYS A 5 -13.27 -8.18 17.80
C LYS A 5 -13.03 -8.24 16.31
N GLU A 6 -13.83 -7.55 15.53
CA GLU A 6 -13.53 -7.51 14.10
C GLU A 6 -12.70 -6.28 13.73
N TYR A 7 -12.76 -5.21 14.51
CA TYR A 7 -12.13 -3.96 14.09
C TYR A 7 -11.85 -3.12 15.31
N ILE A 8 -10.92 -2.19 15.15
CA ILE A 8 -10.72 -1.12 16.10
C ILE A 8 -10.95 0.21 15.39
N ILE A 9 -11.25 1.25 16.17
CA ILE A 9 -11.41 2.58 15.62
C ILE A 9 -10.08 3.30 15.76
N LEU A 10 -9.52 3.72 14.63
CA LEU A 10 -8.22 4.38 14.66
C LEU A 10 -8.30 5.63 15.51
N LYS A 11 -7.27 5.87 16.31
CA LYS A 11 -7.27 7.08 17.13
C LYS A 11 -7.25 8.32 16.26
N ASN A 12 -6.45 8.32 15.18
CA ASN A 12 -6.50 9.36 14.16
C ASN A 12 -6.78 8.75 12.80
N PRO A 13 -7.79 9.22 12.08
CA PRO A 13 -8.22 8.55 10.86
C PRO A 13 -7.40 9.03 9.67
N ILE A 14 -7.45 8.25 8.61
CA ILE A 14 -6.81 8.64 7.37
C ILE A 14 -7.66 9.72 6.73
N ALA A 15 -7.04 10.84 6.40
CA ALA A 15 -7.74 11.92 5.74
C ALA A 15 -8.16 11.51 4.34
N ASN A 16 -9.32 12.02 3.90
CA ASN A 16 -9.77 11.92 2.51
C ASN A 16 -9.94 10.46 2.10
N ALA A 17 -10.57 9.69 2.98
CA ALA A 17 -10.58 8.25 2.76
C ALA A 17 -11.98 7.68 2.84
N ASP A 18 -13.02 8.50 2.74
CA ASP A 18 -14.36 7.94 2.73
CA ASP A 18 -14.38 7.99 2.69
C ASP A 18 -14.52 6.90 1.63
N ASN A 19 -15.36 5.89 1.90
CA ASN A 19 -15.73 4.85 0.95
C ASN A 19 -14.51 4.18 0.33
N SER A 20 -13.66 3.63 1.20
CA SER A 20 -12.39 3.11 0.71
C SER A 20 -11.96 1.92 1.55
N LEU A 21 -11.16 1.06 0.92
CA LEU A 21 -10.38 0.06 1.63
C LEU A 21 -8.92 0.35 1.30
N ILE A 22 -8.12 0.55 2.33
CA ILE A 22 -6.72 0.94 2.15
C ILE A 22 -5.87 -0.12 2.81
N GLU A 23 -4.88 -0.64 2.06
CA GLU A 23 -3.94 -1.61 2.58
C GLU A 23 -2.66 -0.89 2.94
N ILE A 24 -2.31 -0.91 4.21
CA ILE A 24 -1.04 -0.36 4.66
C ILE A 24 -0.05 -1.52 4.58
N PHE A 25 1.06 -1.33 3.86
CA PHE A 25 1.97 -2.44 3.55
C PHE A 25 3.42 -1.98 3.54
N SER A 26 4.32 -2.95 3.47
CA SER A 26 5.73 -2.64 3.28
C SER A 26 6.30 -3.63 2.26
N TYR A 27 7.24 -3.14 1.45
CA TYR A 27 7.93 -4.02 0.51
C TYR A 27 8.69 -5.14 1.20
N ARG A 28 9.06 -4.96 2.48
CA ARG A 28 9.82 -5.98 3.19
C ARG A 28 8.94 -6.80 4.14
N CYS A 29 7.65 -6.88 3.88
CA CYS A 29 6.67 -7.54 4.75
C CYS A 29 6.19 -8.82 4.08
N THR A 30 6.42 -9.97 4.72
CA THR A 30 6.15 -11.26 4.08
C THR A 30 4.68 -11.47 3.82
N HIS A 31 3.83 -11.22 4.81
CA HIS A 31 2.40 -11.40 4.58
C HIS A 31 1.86 -10.44 3.53
N CYS A 32 2.46 -9.23 3.44
CA CYS A 32 2.11 -8.31 2.35
C CYS A 32 2.41 -8.94 1.01
N TYR A 33 3.56 -9.61 0.90
CA TYR A 33 3.86 -10.36 -0.32
C TYR A 33 2.77 -11.41 -0.60
N ASP A 34 2.44 -12.24 0.41
CA ASP A 34 1.36 -13.22 0.23
C ASP A 34 0.08 -12.58 -0.30
N HIS A 35 -0.33 -11.45 0.30
CA HIS A 35 -1.56 -10.81 -0.13
C HIS A 35 -1.43 -10.22 -1.53
N HIS A 36 -0.21 -9.88 -1.94
CA HIS A 36 -0.01 -9.45 -3.31
C HIS A 36 -0.05 -10.65 -4.27
N LYS A 37 0.58 -11.76 -3.90
CA LYS A 37 0.55 -12.93 -4.76
C LYS A 37 -0.88 -13.38 -5.04
N PHE A 38 -1.76 -13.36 -4.03
CA PHE A 38 -3.13 -13.79 -4.23
C PHE A 38 -4.07 -12.61 -4.45
N ASN A 39 -3.52 -11.43 -4.75
CA ASN A 39 -4.30 -10.23 -5.09
C ASN A 39 -5.53 -10.06 -4.22
N THR A 40 -5.33 -10.10 -2.90
CA THR A 40 -6.45 -9.98 -1.99
C THR A 40 -7.27 -8.73 -2.27
N MET A 41 -6.61 -7.58 -2.34
CA MET A 41 -7.33 -6.33 -2.51
C MET A 41 -8.12 -6.33 -3.82
N GLY A 42 -7.55 -6.93 -4.87
CA GLY A 42 -8.30 -7.10 -6.11
C GLY A 42 -9.53 -7.97 -5.97
N LYS A 43 -9.49 -8.98 -5.08
CA LYS A 43 -10.70 -9.75 -4.82
C LYS A 43 -11.75 -8.91 -4.14
N VAL A 44 -11.35 -8.03 -3.22
CA VAL A 44 -12.33 -7.16 -2.59
C VAL A 44 -12.94 -6.22 -3.63
N LYS A 45 -12.08 -5.61 -4.46
CA LYS A 45 -12.57 -4.68 -5.47
C LYS A 45 -13.58 -5.35 -6.39
N GLU A 46 -13.37 -6.62 -6.71
CA GLU A 46 -14.33 -7.35 -7.53
C GLU A 46 -15.70 -7.39 -6.89
N LYS A 47 -15.76 -7.68 -5.59
CA LYS A 47 -17.05 -7.82 -4.91
C LYS A 47 -17.59 -6.48 -4.40
N LEU A 48 -16.75 -5.46 -4.27
CA LEU A 48 -17.16 -4.14 -3.79
C LEU A 48 -16.61 -3.13 -4.76
N PRO A 49 -17.15 -3.11 -5.98
CA PRO A 49 -16.54 -2.29 -7.05
C PRO A 49 -16.56 -0.81 -6.77
N ASN A 50 -17.49 -0.33 -5.93
CA ASN A 50 -17.67 1.11 -5.77
C ASN A 50 -16.81 1.71 -4.67
N LEU A 51 -16.02 0.91 -3.96
CA LEU A 51 -15.05 1.51 -3.06
C LEU A 51 -13.83 1.99 -3.84
N THR A 52 -13.08 2.89 -3.21
CA THR A 52 -11.76 3.27 -3.67
C THR A 52 -10.74 2.43 -2.94
N TYR A 53 -9.76 1.91 -3.68
CA TYR A 53 -8.75 1.03 -3.11
C TYR A 53 -7.40 1.73 -3.18
N LYS A 54 -6.68 1.77 -2.06
CA LYS A 54 -5.36 2.39 -2.07
C LYS A 54 -4.38 1.51 -1.33
N PHE A 55 -3.11 1.76 -1.60
CA PHE A 55 -2.01 1.09 -0.91
C PHE A 55 -1.14 2.19 -0.33
N TYR A 56 -0.96 2.15 0.96
CA TYR A 56 -0.15 3.11 1.69
C TYR A 56 1.11 2.38 2.14
N PRO A 57 2.27 2.69 1.58
CA PRO A 57 3.51 2.10 2.07
C PRO A 57 3.95 2.70 3.39
N VAL A 58 4.72 1.92 4.15
CA VAL A 58 5.16 2.25 5.50
C VAL A 58 6.60 2.70 5.40
N SER A 59 6.85 4.00 5.52
CA SER A 59 8.22 4.44 5.32
C SER A 59 9.14 4.00 6.44
N SER A 60 8.62 3.73 7.63
CA SER A 60 9.51 3.39 8.73
C SER A 60 10.01 1.96 8.67
N MET A 61 9.53 1.15 7.74
CA MET A 61 9.96 -0.24 7.63
C MET A 61 11.01 -0.42 6.52
N GLY A 62 12.02 -1.23 6.81
CA GLY A 62 13.07 -1.50 5.85
C GLY A 62 14.12 -0.38 5.80
N ASP A 63 15.29 -0.73 5.24
CA ASP A 63 16.31 0.31 5.05
C ASP A 63 15.88 1.39 4.07
N TYR A 64 14.97 1.08 3.16
CA TYR A 64 14.62 1.97 2.06
C TYR A 64 13.16 2.38 2.08
N GLY A 65 12.51 2.30 3.24
CA GLY A 65 11.10 2.64 3.31
C GLY A 65 10.82 4.04 2.77
N ARG A 66 11.72 4.99 3.03
CA ARG A 66 11.48 6.36 2.60
C ARG A 66 11.58 6.50 1.10
N GLN A 67 12.52 5.76 0.48
CA GLN A 67 12.62 5.74 -0.98
C GLN A 67 11.45 4.97 -1.60
N ALA A 68 11.01 3.89 -0.95
CA ALA A 68 9.86 3.14 -1.47
C ALA A 68 8.61 4.02 -1.50
N ASN A 69 8.42 4.84 -0.46
CA ASN A 69 7.28 5.74 -0.44
C ASN A 69 7.26 6.62 -1.68
N GLU A 70 8.41 7.16 -2.07
CA GLU A 70 8.51 7.99 -3.27
C GLU A 70 8.08 7.25 -4.51
N ILE A 71 8.65 6.06 -4.71
CA ILE A 71 8.34 5.27 -5.89
C ILE A 71 6.87 4.89 -5.88
N PHE A 72 6.35 4.44 -4.74
CA PHE A 72 4.93 4.06 -4.75
C PHE A 72 4.02 5.28 -4.94
N ALA A 73 4.41 6.44 -4.40
CA ALA A 73 3.61 7.63 -4.64
C ALA A 73 3.57 7.94 -6.13
N PHE A 74 4.71 7.83 -6.80
CA PHE A 74 4.77 8.02 -8.25
C PHE A 74 3.89 7.01 -8.99
N ALA A 75 3.96 5.73 -8.61
CA ALA A 75 3.09 4.73 -9.25
C ALA A 75 1.60 5.06 -9.01
N ALA A 76 1.23 5.34 -7.76
CA ALA A 76 -0.16 5.69 -7.48
C ALA A 76 -0.60 6.88 -8.33
N PHE A 77 0.24 7.91 -8.39
CA PHE A 77 -0.13 9.10 -9.16
C PHE A 77 -0.37 8.73 -10.62
N LYS A 78 0.57 7.99 -11.23
CA LYS A 78 0.45 7.61 -12.62
C LYS A 78 -0.72 6.65 -12.84
N ASP A 79 -0.90 5.65 -11.97
CA ASP A 79 -2.09 4.82 -12.09
C ASP A 79 -3.33 5.69 -12.08
N GLY A 80 -3.32 6.74 -11.25
CA GLY A 80 -4.47 7.64 -11.21
C GLY A 80 -4.70 8.35 -12.52
N VAL A 81 -3.63 8.91 -13.09
CA VAL A 81 -3.72 9.57 -14.38
C VAL A 81 -4.21 8.59 -15.43
N ASN A 82 -3.71 7.35 -15.37
CA ASN A 82 -4.05 6.33 -16.36
C ASN A 82 -5.40 5.70 -16.09
N LYS A 83 -6.05 6.03 -14.98
CA LYS A 83 -7.36 5.48 -14.66
C LYS A 83 -7.32 3.95 -14.61
N ILE A 84 -6.24 3.42 -14.04
CA ILE A 84 -6.11 2.00 -13.76
C ILE A 84 -6.11 1.83 -12.25
N ASP A 85 -6.97 0.96 -11.77
CA ASP A 85 -7.04 0.71 -10.34
C ASP A 85 -5.72 0.09 -9.85
N PRO A 86 -5.20 0.53 -8.70
CA PRO A 86 -3.93 -0.05 -8.23
C PRO A 86 -4.05 -1.52 -7.86
N THR A 87 -5.26 -2.06 -7.69
CA THR A 87 -5.37 -3.49 -7.44
C THR A 87 -5.34 -4.28 -8.73
N ASP A 88 -5.45 -3.59 -9.86
CA ASP A 88 -5.33 -4.24 -11.15
C ASP A 88 -3.92 -4.79 -11.31
N LYS A 89 -3.81 -6.03 -11.78
CA LYS A 89 -2.48 -6.62 -11.95
C LYS A 89 -1.65 -5.94 -13.04
N ASN A 90 -2.27 -5.12 -13.89
CA ASN A 90 -1.50 -4.33 -14.86
C ASN A 90 -1.15 -2.95 -14.37
N SER A 91 -1.50 -2.58 -13.15
CA SER A 91 -1.23 -1.22 -12.70
C SER A 91 0.27 -1.04 -12.47
N LEU A 92 0.70 0.22 -12.39
CA LEU A 92 2.09 0.43 -12.02
C LEU A 92 2.31 0.07 -10.56
N THR A 93 1.33 0.38 -9.69
CA THR A 93 1.42 -0.09 -8.31
C THR A 93 1.72 -1.58 -8.24
N HIS A 94 0.97 -2.40 -8.98
CA HIS A 94 1.17 -3.84 -8.84
C HIS A 94 2.52 -4.24 -9.41
N LYS A 95 2.88 -3.63 -10.54
CA LYS A 95 4.14 -3.96 -11.19
C LYS A 95 5.31 -3.57 -10.30
N VAL A 96 5.21 -2.42 -9.63
CA VAL A 96 6.24 -1.96 -8.70
C VAL A 96 6.30 -2.88 -7.48
N ALA A 97 5.15 -3.18 -6.86
CA ALA A 97 5.20 -4.07 -5.68
C ALA A 97 5.79 -5.42 -6.06
N LYS A 98 5.32 -6.01 -7.16
CA LYS A 98 5.86 -7.28 -7.63
CA LYS A 98 5.86 -7.28 -7.63
C LYS A 98 7.37 -7.22 -7.73
N ALA A 99 7.90 -6.15 -8.33
CA ALA A 99 9.35 -6.10 -8.53
C ALA A 99 10.09 -6.02 -7.21
N TYR A 100 9.59 -5.22 -6.27
CA TYR A 100 10.29 -5.13 -4.99
C TYR A 100 10.10 -6.40 -4.16
N PHE A 101 8.88 -6.94 -4.09
CA PHE A 101 8.69 -8.23 -3.38
C PHE A 101 9.60 -9.32 -3.97
N ASN A 102 9.60 -9.46 -5.29
CA ASN A 102 10.51 -10.38 -5.97
C ASN A 102 11.95 -10.15 -5.56
N ALA A 103 12.40 -8.89 -5.60
CA ALA A 103 13.79 -8.60 -5.27
C ALA A 103 14.08 -8.90 -3.80
N TYR A 104 13.20 -8.48 -2.91
CA TYR A 104 13.49 -8.63 -1.49
C TYR A 104 13.39 -10.09 -1.05
N PHE A 105 12.28 -10.77 -1.39
CA PHE A 105 12.04 -12.09 -0.80
C PHE A 105 12.58 -13.23 -1.64
N LYS A 106 12.47 -13.16 -2.96
CA LYS A 106 12.98 -14.26 -3.77
C LYS A 106 14.47 -14.08 -4.01
N LYS A 107 14.90 -12.88 -4.44
CA LYS A 107 16.32 -12.68 -4.73
C LYS A 107 17.15 -12.36 -3.48
N LYS A 108 16.50 -12.16 -2.33
CA LYS A 108 17.19 -11.79 -1.09
C LYS A 108 18.11 -10.60 -1.28
N GLN A 109 17.75 -9.71 -2.20
CA GLN A 109 18.47 -8.46 -2.40
C GLN A 109 18.26 -7.52 -1.21
N ARG A 110 19.36 -6.90 -0.76
CA ARG A 110 19.27 -5.87 0.28
C ARG A 110 19.89 -4.55 -0.14
N TRP A 111 20.41 -4.43 -1.36
CA TRP A 111 21.02 -3.19 -1.85
C TRP A 111 21.97 -2.57 -0.83
N GLU A 112 22.91 -3.37 -0.33
CA GLU A 112 23.96 -2.87 0.56
C GLU A 112 23.39 -2.22 1.83
N ASN A 113 22.19 -2.64 2.26
CA ASN A 113 21.66 -2.25 3.57
C ASN A 113 21.48 -0.75 3.75
N GLY A 114 21.14 -0.03 2.69
CA GLY A 114 20.84 1.39 2.79
C GLY A 114 21.87 2.27 2.13
N LYS A 115 23.03 1.72 1.81
CA LYS A 115 24.15 2.44 1.24
C LYS A 115 24.08 2.53 -0.28
N ASN A 116 23.10 1.89 -0.91
CA ASN A 116 22.95 1.98 -2.36
C ASN A 116 21.51 2.28 -2.75
N PRO A 117 21.00 3.46 -2.38
CA PRO A 117 19.64 3.83 -2.83
C PRO A 117 19.49 3.88 -4.35
N GLU A 118 20.57 4.14 -5.09
CA GLU A 118 20.43 4.16 -6.55
C GLU A 118 19.96 2.81 -7.07
N ALA A 119 20.60 1.72 -6.62
CA ALA A 119 20.14 0.39 -7.01
C ALA A 119 18.72 0.13 -6.54
N PHE A 120 18.33 0.65 -5.37
CA PHE A 120 16.97 0.39 -4.90
C PHE A 120 15.94 1.09 -5.76
N TYR A 121 16.18 2.37 -6.07
CA TYR A 121 15.24 3.09 -6.92
C TYR A 121 15.09 2.40 -8.26
N SER A 122 16.20 1.94 -8.82
CA SER A 122 16.21 1.36 -10.15
C SER A 122 15.25 0.19 -10.30
N VAL A 123 15.03 -0.61 -9.24
CA VAL A 123 14.08 -1.72 -9.35
C VAL A 123 12.70 -1.16 -9.64
N GLY A 124 12.31 -0.12 -8.91
CA GLY A 124 11.01 0.49 -9.11
C GLY A 124 10.94 1.27 -10.40
N LEU A 125 11.99 2.04 -10.73
CA LEU A 125 11.99 2.80 -11.96
C LEU A 125 11.89 1.89 -13.16
N LYS A 126 12.64 0.77 -13.14
CA LYS A 126 12.55 -0.19 -14.24
C LYS A 126 11.15 -0.78 -14.33
N ALA A 127 10.56 -1.06 -13.17
CA ALA A 127 9.24 -1.70 -13.15
C ALA A 127 8.19 -0.77 -13.74
N MET A 128 8.36 0.53 -13.51
CA MET A 128 7.47 1.54 -14.07
C MET A 128 7.89 1.99 -15.46
N ASN A 129 9.09 1.60 -15.91
CA ASN A 129 9.67 2.10 -17.16
C ASN A 129 9.64 3.63 -17.21
N VAL A 130 10.19 4.26 -16.16
CA VAL A 130 10.42 5.69 -16.14
C VAL A 130 11.85 5.92 -15.71
N SER A 131 12.35 7.13 -15.96
CA SER A 131 13.71 7.49 -15.60
C SER A 131 13.77 8.06 -14.19
N LYS A 132 14.98 8.10 -13.61
CA LYS A 132 15.17 8.78 -12.32
C LYS A 132 14.74 10.24 -12.41
N ALA A 133 14.92 10.86 -13.59
CA ALA A 133 14.55 12.25 -13.74
C ALA A 133 13.04 12.43 -13.66
N ASP A 134 12.29 11.51 -14.26
CA ASP A 134 10.84 11.52 -14.11
C ASP A 134 10.46 11.53 -12.65
N LEU A 135 11.09 10.65 -11.87
CA LEU A 135 10.81 10.62 -10.44
C LEU A 135 11.18 11.94 -9.77
N GLU A 136 12.41 12.44 -10.03
CA GLU A 136 12.81 13.71 -9.44
C GLU A 136 11.84 14.83 -9.79
N ASN A 137 11.38 14.87 -11.04
CA ASN A 137 10.42 15.90 -11.42
C ASN A 137 9.07 15.69 -10.76
N PHE A 138 8.59 14.46 -10.70
CA PHE A 138 7.36 14.20 -9.97
C PHE A 138 7.47 14.68 -8.53
N LEU A 139 8.60 14.39 -7.90
CA LEU A 139 8.74 14.72 -6.48
C LEU A 139 8.74 16.22 -6.24
N LYS A 140 8.88 17.04 -7.28
CA LYS A 140 8.82 18.48 -7.09
C LYS A 140 7.39 18.98 -7.06
N THR A 141 6.41 18.12 -7.43
CA THR A 141 5.04 18.59 -7.65
C THR A 141 4.22 18.58 -6.35
N PRO A 142 3.16 19.36 -6.29
CA PRO A 142 2.29 19.27 -5.10
C PRO A 142 1.59 17.93 -4.98
N GLU A 143 1.29 17.29 -6.11
CA GLU A 143 0.61 16.00 -6.04
C GLU A 143 1.47 14.99 -5.29
N ALA A 144 2.79 15.04 -5.52
CA ALA A 144 3.73 14.19 -4.80
C ALA A 144 3.72 14.51 -3.32
N ALA A 145 3.86 15.81 -2.98
CA ALA A 145 3.79 16.22 -1.58
C ALA A 145 2.55 15.70 -0.88
N GLU A 146 1.40 15.76 -1.55
CA GLU A 146 0.17 15.30 -0.92
C GLU A 146 0.20 13.80 -0.67
N LEU A 147 0.61 13.02 -1.68
CA LEU A 147 0.65 11.57 -1.53
C LEU A 147 1.61 11.18 -0.43
N LEU A 148 2.78 11.81 -0.41
CA LEU A 148 3.77 11.46 0.61
C LEU A 148 3.30 11.86 1.99
N LYS A 149 2.63 13.02 2.13
CA LYS A 149 2.05 13.35 3.42
C LYS A 149 0.97 12.35 3.84
N SER A 150 0.09 11.97 2.91
CA SER A 150 -0.95 11.01 3.24
CA SER A 150 -0.95 11.03 3.26
C SER A 150 -0.34 9.72 3.76
N TYR A 151 0.77 9.29 3.17
CA TYR A 151 1.39 8.05 3.61
C TYR A 151 1.96 8.14 5.01
N GLU A 152 2.10 9.33 5.60
CA GLU A 152 2.74 9.38 6.91
C GLU A 152 1.97 8.55 7.93
N ILE A 153 0.63 8.59 7.86
CA ILE A 153 -0.20 7.87 8.81
C ILE A 153 -0.01 6.36 8.73
N ALA A 154 0.60 5.84 7.65
CA ALA A 154 0.82 4.39 7.59
C ALA A 154 1.75 3.93 8.72
N ASN A 155 2.60 4.83 9.19
CA ASN A 155 3.58 4.45 10.20
C ASN A 155 2.90 4.18 11.54
N PRO A 156 2.17 5.13 12.14
CA PRO A 156 1.46 4.78 13.37
C PRO A 156 0.42 3.67 13.20
N ILE A 157 -0.25 3.56 12.04
CA ILE A 157 -1.20 2.46 11.88
C ILE A 157 -0.49 1.11 11.89
N SER A 158 0.70 1.05 11.30
CA SER A 158 1.42 -0.20 11.22
C SER A 158 1.81 -0.70 12.60
N GLN A 159 1.86 0.17 13.59
CA GLN A 159 2.21 -0.24 14.94
CA GLN A 159 2.22 -0.26 14.93
C GLN A 159 1.06 -0.90 15.68
N ASN A 160 -0.17 -0.81 15.17
CA ASN A 160 -1.28 -1.43 15.86
C ASN A 160 -1.13 -2.94 15.90
N TYR A 161 -1.04 -3.58 14.72
CA TYR A 161 -0.91 -5.03 14.59
C TYR A 161 0.19 -5.46 13.63
N GLY A 162 1.06 -4.55 13.20
CA GLY A 162 1.98 -4.89 12.13
C GLY A 162 1.34 -4.71 10.76
N THR A 163 2.00 -5.26 9.74
CA THR A 163 1.54 -5.19 8.37
C THR A 163 1.26 -6.59 7.87
N PRO A 164 0.36 -6.76 6.90
CA PRO A 164 -0.43 -5.67 6.31
C PRO A 164 -1.50 -5.26 7.26
N ALA A 165 -1.94 -4.02 7.17
CA ALA A 165 -3.09 -3.52 7.90
C ALA A 165 -4.12 -3.10 6.87
N PHE A 166 -5.38 -3.38 7.17
CA PHE A 166 -6.51 -3.05 6.32
C PHE A 166 -7.38 -2.04 7.04
N VAL A 167 -7.60 -0.88 6.41
CA VAL A 167 -8.37 0.22 7.00
C VAL A 167 -9.54 0.52 6.08
N VAL A 168 -10.73 0.63 6.68
CA VAL A 168 -11.97 0.87 5.95
C VAL A 168 -12.43 2.29 6.21
N ASN A 169 -12.72 3.03 5.13
CA ASN A 169 -13.25 4.38 5.21
C ASN A 169 -12.36 5.28 6.05
N GLY A 170 -11.08 4.95 6.13
CA GLY A 170 -10.13 5.74 6.87
C GLY A 170 -10.27 5.70 8.37
N LYS A 171 -11.28 4.99 8.90
CA LYS A 171 -11.59 5.06 10.32
C LYS A 171 -11.40 3.76 11.09
N TYR A 172 -11.61 2.61 10.46
CA TYR A 172 -11.56 1.35 11.18
C TYR A 172 -10.51 0.45 10.58
N GLN A 173 -9.63 -0.07 11.43
CA GLN A 173 -8.67 -1.08 11.03
C GLN A 173 -9.24 -2.45 11.38
N ILE A 174 -9.34 -3.32 10.36
CA ILE A 174 -9.79 -4.66 10.62
C ILE A 174 -8.77 -5.36 11.49
N ILE A 175 -9.25 -6.08 12.51
CA ILE A 175 -8.34 -6.78 13.41
C ILE A 175 -7.87 -8.05 12.69
N PRO A 176 -6.57 -8.28 12.57
CA PRO A 176 -6.12 -9.36 11.69
C PRO A 176 -6.63 -10.74 12.09
N SER A 177 -6.80 -11.01 13.38
CA SER A 177 -7.35 -12.31 13.77
C SER A 177 -8.75 -12.54 13.19
N ALA A 178 -9.48 -11.48 12.85
CA ALA A 178 -10.78 -11.61 12.21
C ALA A 178 -10.69 -11.94 10.72
N ILE A 179 -9.53 -11.83 10.08
CA ILE A 179 -9.50 -12.04 8.64
C ILE A 179 -9.04 -13.46 8.37
N ASN A 180 -9.95 -14.41 8.49
CA ASN A 180 -9.62 -15.81 8.28
C ASN A 180 -9.72 -16.23 6.82
N SER A 181 -10.16 -15.33 5.93
CA SER A 181 -10.37 -15.64 4.53
C SER A 181 -10.66 -14.34 3.78
N PRO A 182 -10.38 -14.27 2.47
CA PRO A 182 -10.81 -13.09 1.72
C PRO A 182 -12.31 -12.86 1.81
N GLU A 183 -13.11 -13.95 1.91
CA GLU A 183 -14.54 -13.80 2.11
C GLU A 183 -14.82 -13.02 3.38
N ALA A 184 -14.13 -13.36 4.48
CA ALA A 184 -14.28 -12.61 5.72
C ALA A 184 -13.87 -11.14 5.54
N LEU A 185 -12.74 -10.89 4.85
CA LEU A 185 -12.31 -9.53 4.58
C LEU A 185 -13.37 -8.77 3.81
N ILE A 186 -13.94 -9.39 2.80
CA ILE A 186 -14.99 -8.75 2.00
C ILE A 186 -16.22 -8.45 2.86
N GLU A 187 -16.67 -9.46 3.63
CA GLU A 187 -17.86 -9.26 4.46
C GLU A 187 -17.63 -8.12 5.44
N ILE A 188 -16.49 -8.11 6.11
CA ILE A 188 -16.20 -7.07 7.09
C ILE A 188 -16.14 -5.71 6.41
N THR A 189 -15.45 -5.62 5.27
CA THR A 189 -15.32 -4.35 4.56
C THR A 189 -16.69 -3.85 4.14
N LYS A 190 -17.55 -4.75 3.66
CA LYS A 190 -18.89 -4.34 3.24
C LYS A 190 -19.68 -3.80 4.41
N GLU A 191 -19.58 -4.45 5.56
CA GLU A 191 -20.26 -3.94 6.74
C GLU A 191 -19.70 -2.59 7.16
N LEU A 192 -18.37 -2.50 7.27
CA LEU A 192 -17.80 -1.26 7.78
C LEU A 192 -17.93 -0.09 6.81
N SER A 193 -18.08 -0.36 5.50
CA SER A 193 -18.04 0.73 4.53
C SER A 193 -19.40 1.35 4.28
N LYS A 194 -20.49 0.72 4.74
CA LYS A 194 -21.79 1.37 4.67
C LYS A 194 -22.04 2.17 5.95
#